data_9XZO
#
_entry.id   9XZO
#
_cell.length_a   45.111
_cell.length_b   45.221
_cell.length_c   59.451
_cell.angle_alpha   90.00
_cell.angle_beta   90.00
_cell.angle_gamma   90.00
#
_symmetry.space_group_name_H-M   'P 21 21 21'
#
loop_
_entity.id
_entity.type
_entity.pdbx_description
1 polymer 'De novo protein M1X0B'
2 water water
#
_entity_poly.entity_id   1
_entity_poly.type   'polypeptide(L)'
_entity_poly.pdbx_seq_one_letter_code
;MAKILIVEDEPVVREAIKRILEREGYEVVGEAENGEEALKKLKEEKPDLILTDINMPGMDGIEVLKKIREEGLKNTPVIM
LTAYGEKEDIVEAFKAGADGFITKPFDPEVLKEKIKKVLGSHHHHHHHH
;
_entity_poly.pdbx_strand_id   A
#
# COMPACT_ATOMS: atom_id res chain seq x y z
N ALA A 2 4.83 13.99 -2.50
CA ALA A 2 4.25 12.77 -3.13
C ALA A 2 2.89 12.49 -2.50
N LYS A 3 1.97 11.98 -3.34
CA LYS A 3 0.61 11.65 -2.99
C LYS A 3 0.46 10.14 -2.80
N ILE A 4 -0.02 9.75 -1.61
CA ILE A 4 -0.08 8.33 -1.22
C ILE A 4 -1.53 7.91 -0.98
N LEU A 5 -1.92 6.73 -1.53
CA LEU A 5 -3.18 6.09 -1.20
C LEU A 5 -2.87 4.92 -0.28
N ILE A 6 -3.63 4.81 0.84
CA ILE A 6 -3.44 3.74 1.83
C ILE A 6 -4.62 2.79 1.67
N VAL A 7 -4.37 1.49 1.61
CA VAL A 7 -5.36 0.44 1.57
C VAL A 7 -5.12 -0.45 2.79
N GLU A 8 -6.06 -0.33 3.74
CA GLU A 8 -5.94 -0.99 5.04
C GLU A 8 -7.34 -1.10 5.67
N ASP A 9 -7.78 -2.33 5.99
CA ASP A 9 -9.11 -2.50 6.53
C ASP A 9 -9.21 -2.11 8.01
N GLU A 10 -8.11 -2.25 8.77
CA GLU A 10 -8.17 -2.01 10.22
C GLU A 10 -8.11 -0.50 10.47
N PRO A 11 -9.12 0.13 11.07
CA PRO A 11 -9.22 1.58 11.08
C PRO A 11 -8.13 2.29 11.87
N VAL A 12 -7.75 1.74 13.03
CA VAL A 12 -6.79 2.42 13.86
C VAL A 12 -5.40 2.29 13.25
N VAL A 13 -5.08 1.13 12.68
CA VAL A 13 -3.83 0.94 11.96
C VAL A 13 -3.81 1.88 10.76
N ARG A 14 -4.90 1.99 10.01
CA ARG A 14 -5.01 2.91 8.88
C ARG A 14 -4.70 4.35 9.27
N GLU A 15 -5.31 4.79 10.36
CA GLU A 15 -5.08 6.15 10.82
C GLU A 15 -3.65 6.37 11.27
N ALA A 16 -3.05 5.39 11.95
CA ALA A 16 -1.67 5.51 12.38
C ALA A 16 -0.76 5.66 11.18
N ILE A 17 -0.95 4.84 10.15
CA ILE A 17 -0.11 4.93 8.95
C ILE A 17 -0.29 6.29 8.29
N LYS A 18 -1.52 6.76 8.15
CA LYS A 18 -1.86 8.04 7.58
C LYS A 18 -1.07 9.15 8.29
N ARG A 19 -1.13 9.14 9.62
CA ARG A 19 -0.52 10.19 10.42
C ARG A 19 1.01 10.12 10.30
N ILE A 20 1.60 8.90 10.30
CA ILE A 20 3.03 8.75 10.10
C ILE A 20 3.48 9.29 8.76
N LEU A 21 2.75 8.97 7.70
CA LEU A 21 3.04 9.52 6.37
C LEU A 21 3.01 11.06 6.36
N GLU A 22 2.01 11.62 6.99
CA GLU A 22 1.84 13.07 7.08
C GLU A 22 2.97 13.70 7.90
N ARG A 23 3.37 13.06 9.01
CA ARG A 23 4.53 13.54 9.78
C ARG A 23 5.83 13.52 8.98
N GLU A 24 5.90 12.65 7.98
CA GLU A 24 7.06 12.53 7.10
C GLU A 24 6.92 13.36 5.86
N GLY A 25 5.88 14.19 5.79
CA GLY A 25 5.77 15.19 4.72
C GLY A 25 5.04 14.73 3.47
N TYR A 26 4.36 13.57 3.56
CA TYR A 26 3.58 13.09 2.42
C TYR A 26 2.12 13.50 2.51
N GLU A 27 1.51 13.73 1.34
CA GLU A 27 0.09 13.96 1.24
C GLU A 27 -0.63 12.63 1.14
N VAL A 28 -1.59 12.36 2.02
CA VAL A 28 -2.38 11.14 1.94
C VAL A 28 -3.66 11.52 1.22
N VAL A 29 -3.82 11.01 0.00
CA VAL A 29 -4.91 11.46 -0.85
C VAL A 29 -6.10 10.53 -0.78
N GLY A 30 -5.97 9.40 -0.12
CA GLY A 30 -7.13 8.55 0.12
C GLY A 30 -6.81 7.43 1.09
N GLU A 31 -7.87 6.93 1.67
CA GLU A 31 -7.88 5.84 2.60
C GLU A 31 -8.96 4.87 2.13
N ALA A 32 -8.55 3.67 1.79
CA ALA A 32 -9.47 2.64 1.30
C ALA A 32 -9.51 1.47 2.27
N GLU A 33 -10.73 1.02 2.64
CA GLU A 33 -10.86 -0.10 3.57
C GLU A 33 -11.02 -1.45 2.88
N ASN A 34 -11.17 -1.46 1.56
CA ASN A 34 -11.42 -2.68 0.81
C ASN A 34 -10.98 -2.43 -0.64
N GLY A 35 -11.03 -3.48 -1.47
CA GLY A 35 -10.56 -3.41 -2.83
C GLY A 35 -11.42 -2.50 -3.69
N GLU A 36 -12.74 -2.52 -3.52
CA GLU A 36 -13.59 -1.62 -4.26
C GLU A 36 -13.16 -0.16 -4.07
N GLU A 37 -12.97 0.25 -2.83
CA GLU A 37 -12.56 1.62 -2.56
C GLU A 37 -11.16 1.87 -3.11
N ALA A 38 -10.28 0.88 -3.00
CA ALA A 38 -8.91 1.05 -3.50
C ALA A 38 -8.92 1.42 -4.97
N LEU A 39 -9.67 0.68 -5.76
CA LEU A 39 -9.65 0.86 -7.20
C LEU A 39 -10.38 2.15 -7.58
N LYS A 40 -11.43 2.53 -6.84
CA LYS A 40 -12.14 3.78 -7.07
C LYS A 40 -11.22 4.96 -6.79
N LYS A 41 -10.48 4.92 -5.67
CA LYS A 41 -9.63 6.03 -5.29
C LYS A 41 -8.37 6.07 -6.15
N LEU A 42 -7.87 4.92 -6.63
CA LEU A 42 -6.75 4.90 -7.56
C LEU A 42 -7.12 5.75 -8.79
N LYS A 43 -8.29 5.51 -9.35
CA LYS A 43 -8.71 6.20 -10.56
C LYS A 43 -9.02 7.67 -10.30
N GLU A 44 -9.62 7.99 -9.17
CA GLU A 44 -10.01 9.36 -8.84
C GLU A 44 -8.79 10.22 -8.50
N GLU A 45 -7.85 9.66 -7.74
CA GLU A 45 -6.79 10.46 -7.14
C GLU A 45 -5.45 10.35 -7.87
N LYS A 46 -5.25 9.32 -8.69
CA LYS A 46 -3.99 9.13 -9.39
C LYS A 46 -2.81 9.34 -8.45
N PRO A 47 -2.72 8.53 -7.37
CA PRO A 47 -1.63 8.62 -6.42
C PRO A 47 -0.30 8.28 -7.04
N ASP A 48 0.75 8.85 -6.45
CA ASP A 48 2.11 8.50 -6.83
C ASP A 48 2.57 7.15 -6.31
N LEU A 49 1.93 6.66 -5.23
CA LEU A 49 2.28 5.37 -4.64
C LEU A 49 1.08 4.88 -3.85
N ILE A 50 0.91 3.54 -3.84
CA ILE A 50 -0.13 2.90 -3.06
C ILE A 50 0.51 1.99 -2.04
N LEU A 51 0.11 2.15 -0.77
CA LEU A 51 0.53 1.25 0.29
C LEU A 51 -0.65 0.32 0.56
N THR A 52 -0.45 -0.99 0.51
CA THR A 52 -1.54 -1.97 0.64
C THR A 52 -1.17 -3.00 1.71
N ASP A 53 -2.11 -3.24 2.65
CA ASP A 53 -1.94 -4.39 3.54
C ASP A 53 -1.97 -5.69 2.75
N ILE A 54 -1.06 -6.59 3.09
CA ILE A 54 -1.01 -7.92 2.50
C ILE A 54 -2.26 -8.72 2.81
N ASN A 55 -2.88 -8.48 3.98
CA ASN A 55 -3.93 -9.33 4.53
CA ASN A 55 -3.95 -9.34 4.51
C ASN A 55 -5.15 -8.47 4.76
N MET A 56 -6.11 -8.59 3.87
CA MET A 56 -7.36 -7.95 4.13
CA MET A 56 -7.35 -7.82 3.82
C MET A 56 -8.49 -8.84 3.71
N PRO A 57 -9.65 -8.61 4.35
CA PRO A 57 -10.87 -9.34 4.05
C PRO A 57 -11.35 -9.23 2.62
N GLY A 58 -11.77 -10.38 2.11
CA GLY A 58 -12.40 -10.49 0.81
C GLY A 58 -11.35 -10.60 -0.30
N MET A 59 -11.11 -9.49 -0.92
CA MET A 59 -10.03 -9.38 -1.88
CA MET A 59 -10.04 -9.35 -1.90
C MET A 59 -8.76 -9.02 -1.15
N ASP A 60 -7.82 -9.97 -1.10
CA ASP A 60 -6.61 -9.84 -0.30
C ASP A 60 -5.62 -8.89 -0.99
N GLY A 61 -4.55 -8.54 -0.29
CA GLY A 61 -3.60 -7.56 -0.78
C GLY A 61 -2.97 -7.90 -2.13
N ILE A 62 -2.67 -9.17 -2.36
CA ILE A 62 -2.08 -9.53 -3.64
CA ILE A 62 -2.10 -9.63 -3.63
C ILE A 62 -3.10 -9.34 -4.76
N GLU A 63 -4.38 -9.64 -4.48
CA GLU A 63 -5.39 -9.46 -5.49
C GLU A 63 -5.64 -8.00 -5.79
N VAL A 64 -5.57 -7.14 -4.73
CA VAL A 64 -5.64 -5.71 -4.98
C VAL A 64 -4.47 -5.24 -5.86
N LEU A 65 -3.26 -5.69 -5.50
CA LEU A 65 -2.04 -5.41 -6.26
C LEU A 65 -2.20 -5.79 -7.72
N LYS A 66 -2.71 -7.00 -7.95
CA LYS A 66 -2.91 -7.49 -9.31
C LYS A 66 -3.87 -6.59 -10.07
N LYS A 67 -4.98 -6.18 -9.44
CA LYS A 67 -5.91 -5.28 -10.11
C LYS A 67 -5.34 -3.89 -10.36
N ILE A 68 -4.56 -3.36 -9.41
CA ILE A 68 -3.85 -2.10 -9.64
C ILE A 68 -2.92 -2.22 -10.86
N ARG A 69 -2.18 -3.32 -10.96
CA ARG A 69 -1.22 -3.53 -12.05
C ARG A 69 -1.97 -3.73 -13.37
N GLU A 70 -3.18 -4.29 -13.32
CA GLU A 70 -4.04 -4.46 -14.50
C GLU A 70 -4.55 -3.11 -14.98
N GLU A 71 -4.93 -2.21 -14.07
CA GLU A 71 -5.32 -0.87 -14.48
C GLU A 71 -4.19 -0.26 -15.30
N GLY A 72 -2.94 -0.43 -14.82
CA GLY A 72 -1.77 -0.08 -15.60
C GLY A 72 -1.66 1.43 -15.80
N LEU A 73 -1.99 2.19 -14.75
CA LEU A 73 -1.78 3.63 -14.74
C LEU A 73 -0.30 3.89 -14.56
N LYS A 74 0.21 4.94 -15.21
CA LYS A 74 1.62 5.26 -15.15
C LYS A 74 1.96 5.77 -13.75
N ASN A 75 3.14 5.34 -13.28
CA ASN A 75 3.66 5.74 -12.00
C ASN A 75 2.66 5.41 -10.90
N THR A 76 2.29 4.12 -10.80
CA THR A 76 1.50 3.60 -9.69
C THR A 76 2.24 2.41 -9.08
N PRO A 77 3.40 2.69 -8.53
CA PRO A 77 4.05 1.72 -7.67
C PRO A 77 3.18 1.36 -6.47
N VAL A 78 3.42 0.13 -6.00
CA VAL A 78 2.70 -0.42 -4.87
C VAL A 78 3.69 -1.04 -3.90
N ILE A 79 3.63 -0.64 -2.64
CA ILE A 79 4.38 -1.29 -1.56
C ILE A 79 3.38 -2.02 -0.66
N MET A 80 3.65 -3.32 -0.42
CA MET A 80 2.82 -4.09 0.51
C MET A 80 3.31 -3.88 1.93
N LEU A 81 2.42 -4.03 2.91
CA LEU A 81 2.83 -3.97 4.30
C LEU A 81 2.08 -5.00 5.13
N THR A 82 2.70 -5.32 6.28
CA THR A 82 2.02 -6.11 7.30
C THR A 82 2.17 -5.36 8.63
N ALA A 83 1.10 -5.37 9.42
CA ALA A 83 1.13 -4.83 10.76
C ALA A 83 1.38 -5.90 11.82
N TYR A 84 1.60 -7.16 11.41
CA TYR A 84 1.70 -8.31 12.31
C TYR A 84 2.78 -9.29 11.91
N GLY A 85 3.84 -8.79 11.26
CA GLY A 85 4.96 -9.65 10.83
C GLY A 85 4.53 -10.79 9.90
N GLU A 86 3.45 -10.67 9.15
CA GLU A 86 2.98 -11.73 8.28
C GLU A 86 3.86 -11.73 7.01
N LYS A 87 4.81 -12.67 6.94
CA LYS A 87 5.79 -12.75 5.84
C LYS A 87 5.53 -13.93 4.91
N GLU A 88 4.41 -14.65 5.03
CA GLU A 88 4.22 -15.88 4.26
C GLU A 88 4.07 -15.65 2.74
N ASP A 89 3.59 -14.43 2.36
CA ASP A 89 3.25 -14.11 0.98
C ASP A 89 4.20 -13.09 0.33
N ILE A 90 5.41 -12.98 0.84
CA ILE A 90 6.44 -12.12 0.27
CA ILE A 90 6.38 -12.07 0.23
C ILE A 90 6.65 -12.50 -1.20
N VAL A 91 6.80 -13.79 -1.48
CA VAL A 91 7.12 -14.22 -2.83
C VAL A 91 5.99 -13.82 -3.77
N GLU A 92 4.76 -14.17 -3.39
CA GLU A 92 3.63 -13.94 -4.25
C GLU A 92 3.45 -12.44 -4.47
N ALA A 93 3.78 -11.61 -3.49
CA ALA A 93 3.69 -10.17 -3.72
C ALA A 93 4.71 -9.67 -4.75
N PHE A 94 5.97 -10.07 -4.60
CA PHE A 94 6.98 -9.64 -5.55
C PHE A 94 6.75 -10.23 -6.94
N LYS A 95 6.26 -11.49 -7.01
CA LYS A 95 5.94 -12.10 -8.31
C LYS A 95 4.84 -11.36 -9.05
N ALA A 96 3.89 -10.78 -8.28
CA ALA A 96 2.74 -10.07 -8.82
C ALA A 96 3.06 -8.59 -9.08
N GLY A 97 4.31 -8.15 -8.84
CA GLY A 97 4.77 -6.85 -9.27
C GLY A 97 4.85 -5.82 -8.13
N ALA A 98 4.81 -6.23 -6.87
CA ALA A 98 5.03 -5.29 -5.79
C ALA A 98 6.40 -4.65 -5.88
N ASP A 99 6.49 -3.36 -5.57
CA ASP A 99 7.77 -2.66 -5.59
C ASP A 99 8.52 -2.82 -4.28
N GLY A 100 7.82 -3.18 -3.20
CA GLY A 100 8.40 -3.42 -1.91
C GLY A 100 7.42 -4.07 -0.94
N PHE A 101 7.96 -4.50 0.21
CA PHE A 101 7.20 -5.22 1.19
C PHE A 101 7.77 -4.81 2.54
N ILE A 102 6.96 -4.14 3.35
CA ILE A 102 7.40 -3.53 4.60
C ILE A 102 6.83 -4.32 5.80
N THR A 103 7.74 -4.77 6.67
CA THR A 103 7.38 -5.44 7.92
C THR A 103 7.49 -4.52 9.14
N LYS A 104 7.93 -3.29 8.97
CA LYS A 104 8.06 -2.32 10.07
C LYS A 104 7.41 -1.02 9.67
N PRO A 105 6.09 -1.03 9.39
CA PRO A 105 5.42 0.15 8.88
C PRO A 105 5.25 1.28 9.91
N PHE A 106 5.41 0.97 11.20
CA PHE A 106 5.23 2.01 12.21
C PHE A 106 6.52 2.71 12.57
N ASP A 107 7.61 2.41 11.86
CA ASP A 107 8.86 3.13 12.06
C ASP A 107 8.90 4.23 10.99
N PRO A 108 8.65 5.53 11.33
CA PRO A 108 8.47 6.55 10.31
C PRO A 108 9.67 6.62 9.35
N GLU A 109 10.88 6.37 9.88
CA GLU A 109 12.09 6.44 9.07
C GLU A 109 12.17 5.28 8.07
N VAL A 110 11.83 4.05 8.48
CA VAL A 110 11.81 2.92 7.56
C VAL A 110 10.76 3.15 6.45
N LEU A 111 9.56 3.61 6.81
CA LEU A 111 8.54 3.90 5.82
C LEU A 111 8.97 4.95 4.80
N LYS A 112 9.55 6.06 5.28
CA LYS A 112 10.03 7.11 4.42
C LYS A 112 11.18 6.63 3.53
N GLU A 113 12.10 5.85 4.12
CA GLU A 113 13.23 5.36 3.33
C GLU A 113 12.78 4.47 2.18
N LYS A 114 11.83 3.58 2.42
CA LYS A 114 11.40 2.66 1.37
C LYS A 114 10.55 3.41 0.33
N ILE A 115 9.67 4.34 0.76
CA ILE A 115 8.91 5.10 -0.20
C ILE A 115 9.84 5.92 -1.10
N LYS A 116 10.81 6.58 -0.46
CA LYS A 116 11.69 7.45 -1.21
C LYS A 116 12.41 6.65 -2.28
N LYS A 117 12.87 5.46 -1.90
CA LYS A 117 13.57 4.57 -2.82
C LYS A 117 12.71 4.13 -4.00
N VAL A 118 11.51 3.64 -3.72
CA VAL A 118 10.61 3.22 -4.79
C VAL A 118 10.22 4.38 -5.69
N LEU A 119 9.92 5.56 -5.11
CA LEU A 119 9.53 6.72 -5.91
C LEU A 119 10.69 7.11 -6.84
N GLY A 120 11.91 6.95 -6.34
CA GLY A 120 13.11 7.35 -7.09
C GLY A 120 13.47 6.36 -8.20
N SER A 121 12.96 5.13 -8.11
CA SER A 121 13.40 4.04 -8.97
C SER A 121 12.76 4.09 -10.38
#